data_7MAS
#
_entry.id   7MAS
#
_cell.length_a   56.739
_cell.length_b   36.280
_cell.length_c   103.508
_cell.angle_alpha   90.000
_cell.angle_beta   98.660
_cell.angle_gamma   90.000
#
_symmetry.space_group_name_H-M   'P 1 21 1'
#
loop_
_entity.id
_entity.type
_entity.pdbx_description
1 polymer Protease
2 non-polymer (3R,3AS,6AR)-HEXAHYDROFURO[2,3-B]FURAN-3-YL(1S,2R)-3-[[(4-AMINOPHENYL)SULFONYL](ISOBUTYL)AMINO]-1-BENZYL-2-HYDROXYPROPYLCARBAMATE
3 water water
#
_entity_poly.entity_id   1
_entity_poly.type   'polypeptide(L)'
_entity_poly.pdbx_seq_one_letter_code
;PQITLWKRPFVTIKIGGQLKEALLDTGADDTVLEEMNLPGRWKPKIIGGVGGLIKVRQYDQIPIEICGHKAISTVLVGPT
PVNIIGRNLLTQIGCTLNF
;
_entity_poly.pdbx_strand_id   B,D,C,A
#
loop_
_chem_comp.id
_chem_comp.type
_chem_comp.name
_chem_comp.formula
017 non-polymer (3R,3AS,6AR)-HEXAHYDROFURO[2,3-B]FURAN-3-YL(1S,2R)-3-[[(4-AMINOPHENYL)SULFONYL](ISOBUTYL)AMINO]-1-BENZYL-2-HYDROXYPROPYLCARBAMATE 'C27 H37 N3 O7 S'
#
# COMPACT_ATOMS: atom_id res chain seq x y z
N PRO A 1 -2.21 -9.52 -4.35
CA PRO A 1 -2.18 -10.62 -3.37
C PRO A 1 -3.44 -11.48 -3.35
N GLN A 2 -3.53 -12.41 -2.41
CA GLN A 2 -4.72 -13.21 -2.19
C GLN A 2 -5.36 -12.81 -0.87
N ILE A 3 -6.67 -12.65 -0.87
CA ILE A 3 -7.39 -12.14 0.30
C ILE A 3 -8.45 -13.16 0.69
N THR A 4 -8.33 -13.72 1.89
CA THR A 4 -9.35 -14.52 2.52
C THR A 4 -10.56 -13.66 2.86
N LEU A 5 -11.70 -14.30 3.08
CA LEU A 5 -12.93 -13.58 3.38
C LEU A 5 -13.48 -13.88 4.77
N TRP A 6 -12.63 -14.41 5.67
CA TRP A 6 -13.02 -14.60 7.05
C TRP A 6 -13.26 -13.29 7.77
N LYS A 7 -12.61 -12.22 7.31
CA LYS A 7 -12.80 -10.85 7.75
C LYS A 7 -13.27 -10.01 6.57
N ARG A 8 -13.86 -8.86 6.88
CA ARG A 8 -14.28 -7.94 5.82
C ARG A 8 -13.06 -7.52 4.99
N PRO A 9 -13.16 -7.55 3.68
CA PRO A 9 -11.96 -7.28 2.82
C PRO A 9 -11.71 -5.78 2.61
N PHE A 10 -11.28 -5.10 3.67
CA PHE A 10 -10.92 -3.70 3.60
C PHE A 10 -9.48 -3.60 3.08
N VAL A 11 -9.24 -2.64 2.20
CA VAL A 11 -7.91 -2.30 1.75
C VAL A 11 -7.77 -0.79 1.76
N THR A 12 -6.52 -0.33 1.74
CA THR A 12 -6.23 1.10 1.71
C THR A 12 -6.21 1.53 0.26
N ILE A 13 -6.92 2.62 -0.04
CA ILE A 13 -6.92 3.21 -1.37
C ILE A 13 -6.39 4.63 -1.26
N LYS A 14 -5.87 5.12 -2.38
CA LYS A 14 -5.40 6.50 -2.48
C LYS A 14 -6.20 7.20 -3.58
N ILE A 15 -6.88 8.28 -3.22
CA ILE A 15 -7.69 9.03 -4.17
C ILE A 15 -7.48 10.50 -3.88
N GLY A 16 -7.11 11.26 -4.92
CA GLY A 16 -6.88 12.68 -4.76
C GLY A 16 -5.88 13.04 -3.70
N GLY A 17 -4.92 12.15 -3.43
CA GLY A 17 -3.98 12.33 -2.35
C GLY A 17 -4.48 11.91 -0.99
N GLN A 18 -5.70 11.40 -0.90
CA GLN A 18 -6.28 10.96 0.36
C GLN A 18 -6.16 9.45 0.50
N LEU A 19 -5.76 8.99 1.68
CA LEU A 19 -5.79 7.57 2.00
C LEU A 19 -7.12 7.27 2.69
N LYS A 20 -7.80 6.23 2.20
CA LYS A 20 -9.05 5.81 2.80
C LYS A 20 -9.10 4.29 2.84
N GLU A 21 -9.96 3.77 3.73
CA GLU A 21 -10.20 2.33 3.83
C GLU A 21 -11.48 2.06 3.04
N ALA A 22 -11.45 1.04 2.19
CA ALA A 22 -12.59 0.72 1.35
C ALA A 22 -12.75 -0.78 1.23
N LEU A 23 -14.01 -1.21 1.06
CA LEU A 23 -14.40 -2.62 1.01
C LEU A 23 -14.32 -3.10 -0.43
N LEU A 24 -13.59 -4.20 -0.64
CA LEU A 24 -13.55 -4.82 -1.95
C LEU A 24 -14.84 -5.60 -2.11
N ASP A 25 -15.72 -5.14 -3.01
CA ASP A 25 -17.10 -5.60 -3.04
C ASP A 25 -17.57 -6.09 -4.42
N THR A 26 -17.55 -7.40 -4.60
CA THR A 26 -17.98 -7.98 -5.85
C THR A 26 -19.47 -7.83 -6.08
N GLY A 27 -20.23 -7.48 -5.05
CA GLY A 27 -21.65 -7.23 -5.21
C GLY A 27 -22.01 -5.86 -5.70
N ALA A 28 -21.05 -4.95 -5.74
CA ALA A 28 -21.25 -3.56 -6.14
C ALA A 28 -20.83 -3.39 -7.60
N ASP A 29 -21.74 -2.84 -8.40
CA ASP A 29 -21.40 -2.62 -9.79
C ASP A 29 -20.32 -1.55 -9.92
N ASP A 30 -20.37 -0.52 -9.09
CA ASP A 30 -19.50 0.63 -9.21
C ASP A 30 -19.01 1.04 -7.83
N THR A 31 -17.82 1.64 -7.81
CA THR A 31 -17.22 2.18 -6.59
C THR A 31 -18.10 3.31 -6.08
N VAL A 32 -18.38 3.30 -4.78
CA VAL A 32 -19.08 4.42 -4.14
C VAL A 32 -18.40 4.78 -2.82
N LEU A 33 -18.08 6.05 -2.68
CA LEU A 33 -17.30 6.52 -1.55
C LEU A 33 -18.16 7.47 -0.74
N GLU A 34 -17.91 7.50 0.57
CA GLU A 34 -18.58 8.43 1.46
C GLU A 34 -18.30 9.87 1.04
N GLU A 35 -19.15 10.78 1.50
CA GLU A 35 -19.12 12.18 1.07
C GLU A 35 -17.70 12.74 1.05
N MET A 36 -17.32 13.28 -0.12
CA MET A 36 -16.03 13.91 -0.30
C MET A 36 -16.15 14.89 -1.45
N ASN A 37 -15.12 15.73 -1.59
CA ASN A 37 -15.05 16.67 -2.68
C ASN A 37 -14.12 16.10 -3.73
N LEU A 38 -14.55 16.17 -4.98
CA LEU A 38 -13.75 15.76 -6.12
C LEU A 38 -13.85 16.80 -7.23
N PRO A 39 -12.79 16.94 -8.04
CA PRO A 39 -12.83 17.96 -9.09
C PRO A 39 -13.53 17.48 -10.35
N GLY A 40 -14.01 18.46 -11.12
CA GLY A 40 -14.56 18.21 -12.43
C GLY A 40 -16.06 18.04 -12.43
N ARG A 41 -16.58 17.70 -13.60
CA ARG A 41 -18.02 17.55 -13.79
C ARG A 41 -18.52 16.27 -13.10
N TRP A 42 -19.80 16.32 -12.71
CA TRP A 42 -20.49 15.13 -12.22
C TRP A 42 -21.94 15.15 -12.67
N LYS A 43 -22.59 14.00 -12.58
CA LYS A 43 -24.00 13.85 -12.87
C LYS A 43 -24.65 12.98 -11.81
N PRO A 44 -25.94 13.19 -11.53
CA PRO A 44 -26.60 12.40 -10.49
C PRO A 44 -26.85 10.99 -10.98
N LYS A 45 -26.86 10.05 -10.04
CA LYS A 45 -27.16 8.66 -10.32
C LYS A 45 -27.90 8.07 -9.13
N ILE A 46 -28.81 7.14 -9.40
CA ILE A 46 -29.49 6.40 -8.36
C ILE A 46 -28.89 5.00 -8.27
N ILE A 47 -28.60 4.56 -7.05
CA ILE A 47 -28.16 3.19 -6.82
C ILE A 47 -29.03 2.59 -5.73
N GLY A 48 -29.06 1.26 -5.69
CA GLY A 48 -29.99 0.57 -4.83
C GLY A 48 -29.33 -0.63 -4.21
N GLY A 49 -29.71 -0.87 -2.99
CA GLY A 49 -29.35 -2.13 -2.36
C GLY A 49 -30.26 -2.51 -1.25
N VAL A 50 -29.72 -3.24 -0.26
CA VAL A 50 -30.52 -3.63 0.88
C VAL A 50 -30.99 -2.36 1.61
N GLY A 51 -32.28 -2.23 1.78
CA GLY A 51 -32.85 -1.10 2.47
C GLY A 51 -33.35 -0.01 1.56
N GLY A 52 -33.07 -0.09 0.27
CA GLY A 52 -33.58 0.93 -0.63
C GLY A 52 -32.53 1.66 -1.47
N LEU A 53 -32.89 2.85 -1.92
CA LEU A 53 -32.12 3.59 -2.90
C LEU A 53 -31.45 4.79 -2.26
N ILE A 54 -30.31 5.15 -2.85
CA ILE A 54 -29.73 6.45 -2.50
C ILE A 54 -29.32 7.16 -3.79
N LYS A 55 -29.24 8.51 -3.69
CA LYS A 55 -28.75 9.36 -4.77
C LYS A 55 -27.26 9.61 -4.55
N VAL A 56 -26.47 9.45 -5.60
CA VAL A 56 -25.03 9.69 -5.55
C VAL A 56 -24.62 10.62 -6.70
N ARG A 57 -23.42 11.14 -6.60
CA ARG A 57 -22.83 11.94 -7.67
C ARG A 57 -21.78 11.13 -8.41
N GLN A 58 -21.90 11.06 -9.73
CA GLN A 58 -21.00 10.27 -10.58
C GLN A 58 -19.93 11.16 -11.21
N TYR A 59 -18.68 10.93 -10.83
CA TYR A 59 -17.51 11.59 -11.38
C TYR A 59 -16.79 10.60 -12.27
N ASP A 60 -16.51 10.99 -13.49
CA ASP A 60 -15.80 10.10 -14.41
C ASP A 60 -14.29 10.41 -14.47
N GLN A 61 -13.53 9.40 -14.90
CA GLN A 61 -12.09 9.52 -15.11
C GLN A 61 -11.35 10.12 -13.91
N ILE A 62 -11.54 9.50 -12.74
CA ILE A 62 -10.84 9.90 -11.51
C ILE A 62 -9.68 8.93 -11.26
N PRO A 63 -8.46 9.42 -11.07
CA PRO A 63 -7.36 8.51 -10.73
C PRO A 63 -7.53 7.94 -9.32
N ILE A 64 -7.34 6.64 -9.20
CA ILE A 64 -7.44 5.94 -7.93
C ILE A 64 -6.38 4.85 -7.92
N GLU A 65 -5.76 4.67 -6.76
CA GLU A 65 -4.70 3.69 -6.59
C GLU A 65 -5.08 2.71 -5.48
N ILE A 66 -4.93 1.43 -5.77
CA ILE A 66 -5.24 0.39 -4.80
C ILE A 66 -4.06 -0.57 -4.75
N CYS A 67 -3.45 -0.71 -3.58
CA CYS A 67 -2.38 -1.66 -3.37
C CYS A 67 -1.36 -1.61 -4.52
N GLY A 68 -1.00 -0.38 -4.89
CA GLY A 68 -0.03 -0.18 -5.93
C GLY A 68 -0.51 -0.36 -7.36
N HIS A 69 -1.80 -0.63 -7.56
CA HIS A 69 -2.39 -0.72 -8.88
C HIS A 69 -3.16 0.56 -9.18
N LYS A 70 -2.75 1.27 -10.22
CA LYS A 70 -3.34 2.55 -10.58
C LYS A 70 -4.42 2.35 -11.63
N ALA A 71 -5.54 3.03 -11.45
CA ALA A 71 -6.64 3.01 -12.38
C ALA A 71 -7.15 4.42 -12.57
N ILE A 72 -7.86 4.64 -13.69
CA ILE A 72 -8.63 5.85 -13.96
C ILE A 72 -10.05 5.37 -14.17
N SER A 73 -10.94 5.76 -13.26
CA SER A 73 -12.18 5.04 -13.11
C SER A 73 -13.30 6.01 -12.74
N THR A 74 -14.54 5.56 -12.96
CA THR A 74 -15.70 6.27 -12.44
C THR A 74 -15.82 6.06 -10.94
N VAL A 75 -16.10 7.16 -10.23
CA VAL A 75 -16.27 7.12 -8.77
C VAL A 75 -17.59 7.79 -8.45
N LEU A 76 -18.47 7.08 -7.75
CA LEU A 76 -19.69 7.62 -7.18
C LEU A 76 -19.43 8.11 -5.77
N VAL A 77 -20.05 9.23 -5.40
CA VAL A 77 -19.91 9.80 -4.07
C VAL A 77 -21.30 10.04 -3.51
N GLY A 78 -21.52 9.65 -2.28
CA GLY A 78 -22.81 9.91 -1.65
C GLY A 78 -22.92 9.24 -0.31
N PRO A 79 -24.17 9.15 0.23
CA PRO A 79 -24.38 8.75 1.63
C PRO A 79 -24.36 7.23 1.83
N THR A 80 -23.34 6.58 1.28
CA THR A 80 -23.07 5.19 1.64
C THR A 80 -22.52 5.12 3.07
N PRO A 81 -22.86 4.08 3.83
CA PRO A 81 -22.30 3.97 5.18
C PRO A 81 -20.85 3.54 5.20
N VAL A 82 -20.30 3.09 4.07
CA VAL A 82 -18.93 2.58 4.00
C VAL A 82 -18.37 2.83 2.61
N ASN A 83 -17.07 3.09 2.52
CA ASN A 83 -16.44 3.18 1.22
C ASN A 83 -16.41 1.80 0.57
N ILE A 84 -16.83 1.73 -0.70
CA ILE A 84 -16.97 0.47 -1.43
C ILE A 84 -16.24 0.56 -2.76
N ILE A 85 -15.40 -0.45 -3.04
CA ILE A 85 -14.74 -0.62 -4.31
C ILE A 85 -15.57 -1.60 -5.10
N GLY A 86 -16.11 -1.16 -6.23
CA GLY A 86 -16.97 -1.99 -7.06
C GLY A 86 -16.28 -2.64 -8.24
N ARG A 87 -17.09 -3.37 -9.01
CA ARG A 87 -16.56 -4.20 -10.10
C ARG A 87 -15.90 -3.38 -11.19
N ASN A 88 -16.34 -2.13 -11.40
CA ASN A 88 -15.75 -1.29 -12.44
C ASN A 88 -14.27 -1.07 -12.17
N LEU A 89 -13.89 -0.99 -10.89
CA LEU A 89 -12.48 -0.84 -10.55
C LEU A 89 -11.80 -2.16 -10.29
N LEU A 90 -12.52 -3.13 -9.73
CA LEU A 90 -11.91 -4.43 -9.51
C LEU A 90 -11.42 -5.03 -10.82
N THR A 91 -12.20 -4.87 -11.90
CA THR A 91 -11.77 -5.41 -13.18
C THR A 91 -10.52 -4.73 -13.68
N GLN A 92 -10.39 -3.42 -13.42
CA GLN A 92 -9.25 -2.66 -13.91
C GLN A 92 -7.95 -3.02 -13.21
N ILE A 93 -8.00 -3.55 -11.99
CA ILE A 93 -6.81 -3.99 -11.28
C ILE A 93 -6.59 -5.48 -11.40
N GLY A 94 -7.38 -6.17 -12.21
CA GLY A 94 -7.17 -7.59 -12.41
C GLY A 94 -7.68 -8.48 -11.30
N CYS A 95 -8.66 -8.02 -10.52
CA CYS A 95 -9.18 -8.82 -9.41
C CYS A 95 -10.22 -9.84 -9.89
N THR A 96 -10.08 -11.07 -9.39
CA THR A 96 -11.00 -12.16 -9.69
C THR A 96 -11.40 -12.88 -8.39
N LEU A 97 -12.48 -13.63 -8.48
CA LEU A 97 -12.87 -14.56 -7.42
C LEU A 97 -12.38 -15.95 -7.75
N ASN A 98 -11.86 -16.66 -6.73
CA ASN A 98 -11.20 -17.94 -6.94
C ASN A 98 -11.69 -18.99 -5.95
N PHE A 99 -11.95 -20.19 -6.44
CA PHE A 99 -12.45 -21.28 -5.62
C PHE A 99 -11.37 -22.34 -5.52
N PRO B 1 3.93 8.88 9.98
CA PRO B 1 4.44 9.82 10.98
C PRO B 1 5.50 10.76 10.43
N GLN B 2 5.97 11.69 11.26
CA GLN B 2 7.05 12.58 10.88
C GLN B 2 8.30 12.17 11.63
N ILE B 3 9.42 12.05 10.92
CA ILE B 3 10.67 11.57 11.48
C ILE B 3 11.73 12.63 11.26
N THR B 4 12.26 13.17 12.35
CA THR B 4 13.44 14.01 12.27
C THR B 4 14.69 13.13 12.13
N LEU B 5 15.81 13.77 11.86
CA LEU B 5 16.99 13.03 11.43
C LEU B 5 18.16 13.21 12.39
N TRP B 6 17.88 13.61 13.63
CA TRP B 6 18.93 13.75 14.62
C TRP B 6 19.51 12.40 15.00
N LYS B 7 18.71 11.36 14.88
CA LYS B 7 19.09 9.97 15.06
C LYS B 7 18.90 9.23 13.75
N ARG B 8 19.57 8.09 13.62
CA ARG B 8 19.32 7.22 12.46
C ARG B 8 17.84 6.84 12.36
N PRO B 9 17.21 7.01 11.19
CA PRO B 9 15.76 6.77 11.06
C PRO B 9 15.43 5.30 10.86
N PHE B 10 15.59 4.52 11.94
CA PHE B 10 15.14 3.15 11.97
C PHE B 10 13.65 3.08 12.20
N VAL B 11 12.99 2.16 11.49
CA VAL B 11 11.60 1.80 11.74
C VAL B 11 11.53 0.28 11.76
N THR B 12 10.44 -0.22 12.36
CA THR B 12 10.17 -1.65 12.42
C THR B 12 9.48 -2.06 11.13
N ILE B 13 9.95 -3.13 10.51
CA ILE B 13 9.29 -3.67 9.35
C ILE B 13 8.91 -5.11 9.66
N LYS B 14 7.89 -5.58 8.98
CA LYS B 14 7.47 -6.98 9.06
C LYS B 14 7.64 -7.59 7.68
N ILE B 15 8.46 -8.64 7.59
CA ILE B 15 8.79 -9.30 6.34
C ILE B 15 9.11 -10.75 6.65
N GLY B 16 8.53 -11.66 5.85
CA GLY B 16 8.73 -13.07 6.08
C GLY B 16 8.33 -13.54 7.46
N GLY B 17 7.25 -13.01 8.00
CA GLY B 17 6.83 -13.32 9.35
C GLY B 17 7.74 -12.81 10.45
N GLN B 18 8.72 -11.97 10.10
CA GLN B 18 9.72 -11.51 11.06
C GLN B 18 9.59 -10.00 11.22
N LEU B 19 9.81 -9.53 12.45
CA LEU B 19 9.97 -8.11 12.72
C LEU B 19 11.46 -7.76 12.67
N LYS B 20 11.79 -6.72 11.90
CA LYS B 20 13.16 -6.29 11.76
C LYS B 20 13.22 -4.77 11.85
N GLU B 21 14.38 -4.27 12.26
CA GLU B 21 14.65 -2.83 12.23
C GLU B 21 15.37 -2.51 10.93
N ALA B 22 14.94 -1.47 10.24
CA ALA B 22 15.52 -1.11 8.94
C ALA B 22 15.63 0.40 8.86
N LEU B 23 16.66 0.86 8.16
CA LEU B 23 16.96 2.27 8.02
C LEU B 23 16.22 2.87 6.83
N LEU B 24 15.41 3.89 7.08
CA LEU B 24 14.80 4.61 5.98
C LEU B 24 15.87 5.43 5.23
N ASP B 25 16.11 5.08 3.97
CA ASP B 25 17.32 5.56 3.29
C ASP B 25 17.03 6.15 1.92
N THR B 26 16.92 7.47 1.84
CA THR B 26 16.65 8.13 0.57
C THR B 26 17.80 8.05 -0.41
N GLY B 27 18.99 7.70 0.06
CA GLY B 27 20.11 7.53 -0.85
C GLY B 27 20.21 6.16 -1.51
N ALA B 28 19.36 5.23 -1.11
CA ALA B 28 19.37 3.89 -1.66
C ALA B 28 18.28 3.74 -2.72
N ASP B 29 18.66 3.26 -3.90
CA ASP B 29 17.65 3.03 -4.94
C ASP B 29 16.67 1.93 -4.52
N ASP B 30 17.18 0.89 -3.86
CA ASP B 30 16.40 -0.31 -3.60
C ASP B 30 16.65 -0.79 -2.17
N THR B 31 15.66 -1.49 -1.65
CA THR B 31 15.69 -2.05 -0.31
C THR B 31 16.64 -3.22 -0.27
N VAL B 32 17.54 -3.24 0.70
CA VAL B 32 18.49 -4.33 0.87
C VAL B 32 18.55 -4.76 2.33
N LEU B 33 18.40 -6.05 2.55
CA LEU B 33 18.31 -6.59 3.89
C LEU B 33 19.46 -7.57 4.12
N GLU B 34 19.91 -7.60 5.37
CA GLU B 34 20.97 -8.52 5.80
C GLU B 34 20.48 -9.93 5.57
N GLU B 35 21.45 -10.85 5.52
CA GLU B 35 21.19 -12.24 5.14
C GLU B 35 19.98 -12.82 5.88
N MET B 36 19.04 -13.34 5.09
CA MET B 36 17.82 -13.92 5.62
C MET B 36 17.25 -14.85 4.57
N ASN B 37 16.28 -15.66 4.96
CA ASN B 37 15.59 -16.52 4.01
C ASN B 37 14.33 -15.83 3.50
N LEU B 38 14.07 -15.98 2.22
CA LEU B 38 12.82 -15.53 1.61
C LEU B 38 12.39 -16.58 0.59
N PRO B 39 11.10 -16.78 0.40
CA PRO B 39 10.67 -17.86 -0.49
C PRO B 39 10.47 -17.40 -1.92
N GLY B 40 10.54 -18.37 -2.83
CA GLY B 40 10.34 -18.09 -4.24
C GLY B 40 11.63 -17.94 -5.01
N ARG B 41 11.47 -17.55 -6.27
CA ARG B 41 12.55 -17.37 -7.21
C ARG B 41 13.33 -16.11 -6.86
N TRP B 42 14.59 -16.09 -7.28
CA TRP B 42 15.46 -14.94 -7.13
C TRP B 42 16.54 -14.97 -8.21
N LYS B 43 17.15 -13.80 -8.45
CA LYS B 43 18.17 -13.59 -9.45
C LYS B 43 19.30 -12.78 -8.82
N PRO B 44 20.55 -13.06 -9.15
CA PRO B 44 21.65 -12.25 -8.63
C PRO B 44 21.55 -10.82 -9.12
N LYS B 45 22.10 -9.90 -8.32
CA LYS B 45 22.25 -8.52 -8.71
C LYS B 45 23.50 -7.99 -8.03
N ILE B 46 24.10 -6.97 -8.64
CA ILE B 46 25.27 -6.29 -8.09
C ILE B 46 24.79 -4.91 -7.71
N ILE B 47 25.11 -4.48 -6.49
CA ILE B 47 24.90 -3.09 -6.09
C ILE B 47 26.21 -2.52 -5.57
N GLY B 48 26.30 -1.21 -5.59
CA GLY B 48 27.51 -0.52 -5.21
C GLY B 48 27.21 0.67 -4.33
N GLY B 49 28.12 0.92 -3.43
CA GLY B 49 28.02 2.09 -2.57
C GLY B 49 29.37 2.56 -2.13
N VAL B 50 29.41 3.18 -0.95
CA VAL B 50 30.67 3.56 -0.34
C VAL B 50 31.42 2.28 -0.02
N GLY B 51 32.63 2.16 -0.52
CA GLY B 51 33.46 1.04 -0.21
C GLY B 51 33.52 0.01 -1.31
N GLY B 52 32.61 0.04 -2.28
CA GLY B 52 32.65 -0.85 -3.42
C GLY B 52 31.36 -1.66 -3.54
N LEU B 53 31.48 -2.83 -4.14
CA LEU B 53 30.33 -3.59 -4.59
C LEU B 53 30.04 -4.77 -3.67
N ILE B 54 28.78 -5.19 -3.65
CA ILE B 54 28.42 -6.48 -3.07
C ILE B 54 27.45 -7.17 -4.03
N LYS B 55 27.39 -8.49 -3.88
CA LYS B 55 26.45 -9.36 -4.59
C LYS B 55 25.24 -9.60 -3.68
N VAL B 56 24.04 -9.43 -4.24
CA VAL B 56 22.79 -9.66 -3.53
C VAL B 56 21.87 -10.56 -4.33
N ARG B 57 20.89 -11.12 -3.63
CA ARG B 57 19.81 -11.89 -4.26
C ARG B 57 18.58 -11.01 -4.34
N GLN B 58 18.03 -10.87 -5.56
CA GLN B 58 16.83 -10.10 -5.80
C GLN B 58 15.59 -10.97 -5.80
N TYR B 59 14.70 -10.71 -4.84
CA TYR B 59 13.40 -11.35 -4.75
C TYR B 59 12.31 -10.36 -5.12
N ASP B 60 11.46 -10.74 -6.07
CA ASP B 60 10.39 -9.85 -6.51
C ASP B 60 9.07 -10.22 -5.83
N GLN B 61 8.20 -9.23 -5.70
CA GLN B 61 6.83 -9.45 -5.22
C GLN B 61 6.78 -10.02 -3.81
N ILE B 62 7.52 -9.41 -2.89
CA ILE B 62 7.56 -9.82 -1.50
C ILE B 62 6.70 -8.88 -0.68
N PRO B 63 5.77 -9.39 0.14
CA PRO B 63 4.97 -8.49 0.99
C PRO B 63 5.78 -7.94 2.15
N ILE B 64 5.64 -6.62 2.36
CA ILE B 64 6.30 -5.91 3.44
C ILE B 64 5.30 -4.94 4.04
N GLU B 65 5.34 -4.79 5.35
CA GLU B 65 4.52 -3.83 6.08
C GLU B 65 5.43 -2.92 6.88
N ILE B 66 5.19 -1.62 6.79
CA ILE B 66 5.97 -0.61 7.51
C ILE B 66 5.01 0.37 8.17
N CYS B 67 5.02 0.42 9.50
CA CYS B 67 4.17 1.35 10.25
C CYS B 67 2.74 1.31 9.74
N GLY B 68 2.24 0.09 9.56
CA GLY B 68 0.90 -0.11 9.09
C GLY B 68 0.68 0.19 7.62
N HIS B 69 1.72 0.53 6.88
CA HIS B 69 1.60 0.73 5.43
C HIS B 69 2.12 -0.52 4.74
N LYS B 70 1.27 -1.16 3.94
CA LYS B 70 1.57 -2.43 3.29
C LYS B 70 1.99 -2.21 1.85
N ALA B 71 2.85 -3.10 1.37
CA ALA B 71 3.35 -2.98 0.02
C ALA B 71 3.82 -4.36 -0.45
N ILE B 72 3.84 -4.51 -1.77
CA ILE B 72 4.42 -5.68 -2.42
C ILE B 72 5.56 -5.17 -3.28
N SER B 73 6.79 -5.60 -2.99
CA SER B 73 7.94 -4.93 -3.54
C SER B 73 9.10 -5.90 -3.75
N THR B 74 10.10 -5.41 -4.49
CA THR B 74 11.34 -6.11 -4.69
C THR B 74 12.23 -5.90 -3.46
N VAL B 75 12.84 -6.97 -2.99
CA VAL B 75 13.73 -6.97 -1.85
C VAL B 75 15.05 -7.62 -2.25
N LEU B 76 16.15 -6.95 -1.97
CA LEU B 76 17.48 -7.48 -2.15
C LEU B 76 18.01 -8.00 -0.83
N VAL B 77 18.65 -9.17 -0.86
CA VAL B 77 19.22 -9.79 0.33
C VAL B 77 20.72 -10.03 0.11
N GLY B 78 21.52 -9.64 1.06
CA GLY B 78 22.95 -9.88 0.96
C GLY B 78 23.70 -9.25 2.08
N PRO B 79 25.01 -9.17 1.93
CA PRO B 79 25.86 -8.78 3.06
C PRO B 79 25.96 -7.28 3.27
N THR B 80 24.81 -6.62 3.33
CA THR B 80 24.79 -5.23 3.79
C THR B 80 25.04 -5.17 5.29
N PRO B 81 25.75 -4.16 5.78
CA PRO B 81 25.98 -4.06 7.24
C PRO B 81 24.74 -3.66 8.01
N VAL B 82 23.66 -3.21 7.35
CA VAL B 82 22.45 -2.76 8.01
C VAL B 82 21.27 -2.93 7.06
N ASN B 83 20.11 -3.24 7.61
CA ASN B 83 18.90 -3.35 6.82
C ASN B 83 18.53 -1.95 6.33
N ILE B 84 18.31 -1.82 5.03
CA ILE B 84 18.04 -0.53 4.39
C ILE B 84 16.73 -0.59 3.61
N ILE B 85 15.86 0.41 3.84
CA ILE B 85 14.63 0.61 3.08
C ILE B 85 14.91 1.69 2.04
N GLY B 86 14.84 1.31 0.77
CA GLY B 86 15.21 2.17 -0.33
C GLY B 86 14.02 2.84 -0.99
N ARG B 87 14.33 3.62 -2.03
CA ARG B 87 13.30 4.45 -2.63
C ARG B 87 12.20 3.63 -3.27
N ASN B 88 12.52 2.42 -3.75
CA ASN B 88 11.49 1.60 -4.36
C ASN B 88 10.32 1.36 -3.41
N LEU B 89 10.62 1.23 -2.13
CA LEU B 89 9.56 1.05 -1.12
C LEU B 89 9.09 2.37 -0.49
N LEU B 90 10.00 3.33 -0.29
CA LEU B 90 9.58 4.62 0.24
C LEU B 90 8.51 5.26 -0.64
N THR B 91 8.65 5.11 -1.97
CA THR B 91 7.63 5.66 -2.86
C THR B 91 6.29 4.95 -2.69
N GLN B 92 6.31 3.66 -2.38
CA GLN B 92 5.09 2.89 -2.24
C GLN B 92 4.32 3.20 -0.97
N ILE B 93 4.99 3.64 0.09
CA ILE B 93 4.32 4.02 1.32
C ILE B 93 4.10 5.52 1.39
N GLY B 94 4.39 6.25 0.31
CA GLY B 94 4.10 7.67 0.27
C GLY B 94 5.07 8.54 1.07
N CYS B 95 6.28 8.09 1.28
CA CYS B 95 7.27 8.84 2.02
C CYS B 95 7.84 9.95 1.16
N THR B 96 7.97 11.14 1.74
CA THR B 96 8.58 12.30 1.10
C THR B 96 9.59 12.93 2.05
N LEU B 97 10.50 13.72 1.47
CA LEU B 97 11.36 14.61 2.24
C LEU B 97 10.70 15.98 2.32
N ASN B 98 10.79 16.61 3.48
CA ASN B 98 10.04 17.85 3.74
C ASN B 98 10.97 18.88 4.36
N PHE B 99 10.86 20.14 3.90
CA PHE B 99 11.71 21.24 4.37
C PHE B 99 10.87 22.39 4.91
N PRO C 1 9.35 23.37 1.01
CA PRO C 1 8.69 22.48 0.03
C PRO C 1 8.86 20.99 0.34
N GLN C 2 8.53 20.16 -0.65
CA GLN C 2 8.60 18.71 -0.54
C GLN C 2 9.44 18.18 -1.69
N ILE C 3 10.05 17.02 -1.49
CA ILE C 3 10.71 16.27 -2.55
C ILE C 3 10.18 14.84 -2.48
N THR C 4 9.64 14.36 -3.59
CA THR C 4 9.23 12.96 -3.69
C THR C 4 10.44 12.11 -4.07
N LEU C 5 10.27 10.78 -4.03
CA LEU C 5 11.41 9.90 -4.14
C LEU C 5 11.35 8.93 -5.33
N TRP C 6 10.55 9.26 -6.35
CA TRP C 6 10.55 8.49 -7.59
C TRP C 6 11.87 8.61 -8.34
N LYS C 7 12.53 9.75 -8.25
CA LYS C 7 13.86 9.99 -8.78
C LYS C 7 14.84 10.14 -7.62
N ARG C 8 16.11 9.94 -7.91
CA ARG C 8 17.17 10.24 -6.95
C ARG C 8 17.09 11.70 -6.50
N PRO C 9 17.08 11.97 -5.19
CA PRO C 9 16.88 13.35 -4.71
C PRO C 9 18.19 14.13 -4.68
N PHE C 10 18.64 14.53 -5.86
CA PHE C 10 19.79 15.42 -5.97
C PHE C 10 19.42 16.89 -5.78
N VAL C 11 20.31 17.65 -5.11
CA VAL C 11 20.15 19.09 -4.99
C VAL C 11 21.46 19.73 -5.40
N THR C 12 21.40 21.02 -5.77
CA THR C 12 22.61 21.78 -6.04
C THR C 12 23.13 22.39 -4.75
N ILE C 13 24.43 22.27 -4.49
CA ILE C 13 25.06 22.92 -3.36
C ILE C 13 26.15 23.83 -3.89
N LYS C 14 26.49 24.85 -3.10
CA LYS C 14 27.60 25.74 -3.40
C LYS C 14 28.59 25.66 -2.24
N ILE C 15 29.83 25.30 -2.52
CA ILE C 15 30.82 25.08 -1.48
C ILE C 15 32.13 25.68 -1.98
N GLY C 16 32.65 26.65 -1.25
CA GLY C 16 33.91 27.26 -1.69
C GLY C 16 33.84 27.91 -3.06
N GLY C 17 32.65 28.35 -3.45
CA GLY C 17 32.46 28.94 -4.76
C GLY C 17 32.23 27.94 -5.87
N GLN C 18 32.21 26.65 -5.54
CA GLN C 18 31.96 25.60 -6.51
C GLN C 18 30.51 25.15 -6.43
N LEU C 19 29.88 24.98 -7.59
CA LEU C 19 28.53 24.42 -7.67
C LEU C 19 28.64 22.92 -7.90
N LYS C 20 27.97 22.15 -7.07
CA LYS C 20 28.00 20.70 -7.22
C LYS C 20 26.62 20.12 -6.98
N GLU C 21 26.40 18.91 -7.48
CA GLU C 21 25.18 18.16 -7.26
C GLU C 21 25.46 17.10 -6.19
N ALA C 22 24.52 16.96 -5.27
CA ALA C 22 24.70 16.02 -4.17
C ALA C 22 23.37 15.38 -3.83
N LEU C 23 23.47 14.13 -3.40
CA LEU C 23 22.30 13.28 -3.15
C LEU C 23 21.84 13.43 -1.69
N LEU C 24 20.57 13.81 -1.48
CA LEU C 24 20.02 13.85 -0.13
C LEU C 24 19.85 12.44 0.40
N ASP C 25 20.60 12.09 1.45
CA ASP C 25 20.77 10.70 1.85
C ASP C 25 20.51 10.52 3.36
N THR C 26 19.30 10.09 3.71
CA THR C 26 18.94 9.95 5.11
C THR C 26 19.64 8.73 5.72
N GLY C 27 20.20 7.84 4.87
CA GLY C 27 20.98 6.71 5.38
C GLY C 27 22.44 7.00 5.67
N ALA C 28 22.91 8.21 5.39
CA ALA C 28 24.27 8.63 5.65
C ALA C 28 24.35 9.46 6.90
N ASP C 29 25.22 9.07 7.84
CA ASP C 29 25.41 9.89 9.04
C ASP C 29 26.05 11.23 8.71
N ASP C 30 26.96 11.24 7.73
CA ASP C 30 27.85 12.35 7.42
C ASP C 30 27.81 12.68 5.93
N THR C 31 27.99 13.96 5.64
CA THR C 31 28.16 14.46 4.28
C THR C 31 29.53 14.12 3.76
N VAL C 32 29.58 13.53 2.55
CA VAL C 32 30.80 13.01 1.93
C VAL C 32 30.83 13.49 0.49
N LEU C 33 31.92 14.18 0.12
CA LEU C 33 32.05 14.75 -1.21
C LEU C 33 33.25 14.09 -1.90
N GLU C 34 33.14 13.97 -3.22
CA GLU C 34 34.25 13.52 -4.04
C GLU C 34 35.43 14.49 -3.91
N GLU C 35 36.59 14.00 -4.34
CA GLU C 35 37.86 14.71 -4.14
C GLU C 35 37.77 16.15 -4.58
N MET C 36 38.19 17.03 -3.67
CA MET C 36 38.29 18.46 -3.93
C MET C 36 39.27 19.04 -2.93
N ASN C 37 39.63 20.31 -3.14
CA ASN C 37 40.48 21.03 -2.22
C ASN C 37 39.60 21.92 -1.36
N LEU C 38 39.78 21.86 -0.05
CA LEU C 38 39.10 22.77 0.86
C LEU C 38 40.12 23.42 1.78
N PRO C 39 39.88 24.65 2.25
CA PRO C 39 40.86 25.31 3.12
C PRO C 39 40.75 24.87 4.57
N GLY C 40 41.83 25.10 5.30
CA GLY C 40 41.84 24.91 6.74
C GLY C 40 42.32 23.54 7.19
N ARG C 41 42.09 23.27 8.47
CA ARG C 41 42.59 22.06 9.10
C ARG C 41 41.73 20.87 8.71
N TRP C 42 42.34 19.68 8.72
CA TRP C 42 41.55 18.46 8.56
C TRP C 42 42.17 17.31 9.34
N LYS C 43 41.37 16.26 9.53
CA LYS C 43 41.81 15.07 10.29
C LYS C 43 41.33 13.85 9.53
N PRO C 44 42.10 12.76 9.51
CA PRO C 44 41.66 11.55 8.79
C PRO C 44 40.61 10.78 9.58
N LYS C 45 39.73 10.11 8.83
CA LYS C 45 38.67 9.32 9.42
C LYS C 45 38.36 8.14 8.51
N ILE C 46 37.92 7.05 9.11
CA ILE C 46 37.44 5.88 8.38
C ILE C 46 35.91 5.93 8.40
N ILE C 47 35.29 5.75 7.23
CA ILE C 47 33.85 5.54 7.18
C ILE C 47 33.58 4.26 6.41
N GLY C 48 32.39 3.71 6.62
CA GLY C 48 32.02 2.44 6.01
C GLY C 48 30.63 2.50 5.43
N GLY C 49 30.46 1.86 4.28
CA GLY C 49 29.17 1.76 3.63
C GLY C 49 28.93 0.34 3.19
N VAL C 50 28.10 0.22 2.16
CA VAL C 50 27.68 -1.10 1.69
C VAL C 50 28.88 -2.00 1.36
N GLY C 51 29.85 -1.46 0.64
CA GLY C 51 30.90 -2.30 0.09
C GLY C 51 32.14 -2.42 0.94
N GLY C 52 32.19 -1.75 2.10
CA GLY C 52 33.36 -1.74 2.97
C GLY C 52 33.75 -0.31 3.34
N LEU C 53 35.00 -0.16 3.77
CA LEU C 53 35.50 1.07 4.38
C LEU C 53 36.31 1.89 3.38
N ILE C 54 36.31 3.22 3.59
CA ILE C 54 37.23 4.09 2.87
C ILE C 54 37.81 5.12 3.84
N LYS C 55 38.93 5.71 3.43
CA LYS C 55 39.61 6.75 4.18
C LYS C 55 39.10 8.10 3.65
N VAL C 56 38.78 9.03 4.55
CA VAL C 56 38.34 10.36 4.16
C VAL C 56 39.10 11.39 4.97
N ARG C 57 39.06 12.63 4.49
CA ARG C 57 39.54 13.79 5.20
C ARG C 57 38.35 14.54 5.78
N GLN C 58 38.39 14.84 7.08
CA GLN C 58 37.32 15.55 7.75
C GLN C 58 37.72 17.00 7.91
N TYR C 59 36.92 17.89 7.31
CA TYR C 59 37.00 19.33 7.47
C TYR C 59 35.79 19.80 8.28
N ASP C 60 36.05 20.56 9.35
CA ASP C 60 34.97 21.13 10.16
C ASP C 60 34.69 22.58 9.78
N GLN C 61 33.46 23.01 10.08
CA GLN C 61 33.03 24.41 9.96
C GLN C 61 33.21 24.95 8.55
N ILE C 62 32.73 24.20 7.56
CA ILE C 62 32.80 24.57 6.16
C ILE C 62 31.46 25.21 5.74
N PRO C 63 31.47 26.41 5.18
CA PRO C 63 30.21 26.99 4.68
C PRO C 63 29.72 26.26 3.44
N ILE C 64 28.40 25.97 3.43
CA ILE C 64 27.74 25.32 2.30
C ILE C 64 26.38 25.98 2.11
N GLU C 65 26.09 26.41 0.87
CA GLU C 65 24.76 26.89 0.50
C GLU C 65 23.96 25.70 -0.03
N ILE C 66 22.80 25.43 0.59
CA ILE C 66 22.00 24.26 0.26
C ILE C 66 20.55 24.49 0.63
N CYS C 67 19.65 24.28 -0.35
CA CYS C 67 18.20 24.31 -0.10
C CYS C 67 17.81 25.60 0.57
N GLY C 68 18.38 26.67 0.07
CA GLY C 68 18.14 27.96 0.68
C GLY C 68 18.42 27.88 2.17
N HIS C 69 19.64 27.56 2.52
CA HIS C 69 20.22 27.79 3.82
C HIS C 69 21.69 28.14 3.62
N LYS C 70 22.19 29.03 4.47
CA LYS C 70 23.63 29.34 4.52
C LYS C 70 24.19 28.50 5.66
N ALA C 71 24.49 27.24 5.36
CA ALA C 71 24.84 26.32 6.40
C ALA C 71 26.34 26.30 6.65
N ILE C 72 26.71 25.77 7.79
CA ILE C 72 28.10 25.57 8.19
C ILE C 72 28.16 24.15 8.74
N SER C 73 29.04 23.34 8.16
CA SER C 73 28.96 21.91 8.36
C SER C 73 30.33 21.23 8.34
N THR C 74 30.41 20.06 8.99
CA THR C 74 31.53 19.15 8.75
C THR C 74 31.34 18.50 7.38
N VAL C 75 32.43 18.41 6.61
CA VAL C 75 32.41 17.80 5.29
C VAL C 75 33.52 16.77 5.25
N LEU C 76 33.22 15.54 4.82
CA LEU C 76 34.23 14.54 4.59
C LEU C 76 34.52 14.53 3.10
N VAL C 77 35.77 14.33 2.76
CA VAL C 77 36.21 14.31 1.37
C VAL C 77 36.97 13.01 1.11
N GLY C 78 36.54 12.26 0.11
CA GLY C 78 37.19 11.00 -0.17
C GLY C 78 36.56 10.29 -1.35
N PRO C 79 36.98 9.06 -1.59
CA PRO C 79 36.59 8.33 -2.82
C PRO C 79 35.18 7.77 -2.77
N THR C 80 34.22 8.63 -2.52
CA THR C 80 32.83 8.22 -2.65
C THR C 80 32.43 8.23 -4.13
N PRO C 81 31.59 7.28 -4.57
CA PRO C 81 31.14 7.29 -5.98
C PRO C 81 30.13 8.38 -6.28
N VAL C 82 29.56 9.02 -5.26
CA VAL C 82 28.56 10.06 -5.45
C VAL C 82 28.69 11.01 -4.26
N ASN C 83 28.57 12.32 -4.53
CA ASN C 83 28.45 13.32 -3.47
C ASN C 83 27.16 13.06 -2.68
N ILE C 84 27.30 13.00 -1.34
CA ILE C 84 26.20 12.62 -0.45
C ILE C 84 26.00 13.68 0.63
N ILE C 85 24.76 14.15 0.82
CA ILE C 85 24.39 15.01 1.96
C ILE C 85 23.83 14.12 3.05
N GLY C 86 24.50 14.06 4.21
CA GLY C 86 24.09 13.20 5.28
C GLY C 86 23.31 13.93 6.37
N ARG C 87 22.95 13.15 7.39
CA ARG C 87 22.03 13.66 8.40
C ARG C 87 22.60 14.89 9.12
N ASN C 88 23.92 14.98 9.25
CA ASN C 88 24.47 16.15 9.95
C ASN C 88 23.98 17.44 9.33
N LEU C 89 23.92 17.50 8.01
CA LEU C 89 23.42 18.66 7.30
C LEU C 89 21.90 18.66 7.10
N LEU C 90 21.28 17.49 6.86
CA LEU C 90 19.83 17.45 6.74
C LEU C 90 19.16 18.02 7.98
N THR C 91 19.70 17.72 9.17
CA THR C 91 19.07 18.22 10.38
C THR C 91 19.22 19.72 10.47
N GLN C 92 20.40 20.21 10.07
CA GLN C 92 20.66 21.63 10.17
C GLN C 92 19.71 22.42 9.29
N ILE C 93 19.29 21.86 8.16
CA ILE C 93 18.37 22.56 7.25
C ILE C 93 16.91 22.17 7.48
N GLY C 94 16.63 21.46 8.57
CA GLY C 94 15.25 21.17 8.94
C GLY C 94 14.52 20.18 8.06
N CYS C 95 15.24 19.20 7.54
CA CYS C 95 14.66 18.20 6.68
C CYS C 95 14.11 17.05 7.52
N THR C 96 12.89 16.64 7.20
CA THR C 96 12.24 15.53 7.88
C THR C 96 11.70 14.56 6.84
N LEU C 97 11.49 13.33 7.30
CA LEU C 97 10.78 12.30 6.52
C LEU C 97 9.34 12.21 7.00
N ASN C 98 8.42 12.11 6.05
CA ASN C 98 6.99 12.02 6.36
C ASN C 98 6.29 10.99 5.49
N PHE C 99 5.51 10.10 6.11
CA PHE C 99 4.62 9.21 5.35
C PHE C 99 3.40 8.88 6.20
N PRO D 1 -12.33 -23.19 -9.81
CA PRO D 1 -12.00 -22.28 -10.93
C PRO D 1 -11.87 -20.80 -10.48
N GLN D 2 -12.00 -19.91 -11.46
CA GLN D 2 -11.79 -18.47 -11.30
C GLN D 2 -12.97 -17.79 -11.97
N ILE D 3 -13.46 -16.71 -11.35
CA ILE D 3 -14.59 -15.97 -11.91
C ILE D 3 -14.14 -14.53 -12.02
N THR D 4 -14.20 -13.98 -13.23
CA THR D 4 -13.90 -12.59 -13.48
C THR D 4 -15.11 -11.73 -13.14
N LEU D 5 -14.91 -10.42 -13.19
CA LEU D 5 -15.91 -9.49 -12.64
C LEU D 5 -16.40 -8.46 -13.64
N TRP D 6 -16.24 -8.70 -14.94
CA TRP D 6 -16.86 -7.84 -15.95
C TRP D 6 -18.37 -7.92 -15.91
N LYS D 7 -18.91 -9.07 -15.54
CA LYS D 7 -20.34 -9.27 -15.35
C LYS D 7 -20.62 -9.47 -13.87
N ARG D 8 -21.90 -9.21 -13.46
CA ARG D 8 -22.33 -9.55 -12.11
C ARG D 8 -22.09 -11.04 -11.88
N PRO D 9 -21.38 -11.44 -10.79
CA PRO D 9 -21.07 -12.86 -10.54
C PRO D 9 -22.23 -13.63 -9.89
N PHE D 10 -23.20 -13.98 -10.73
CA PHE D 10 -24.31 -14.83 -10.32
C PHE D 10 -23.93 -16.30 -10.45
N VAL D 11 -24.33 -17.08 -9.44
CA VAL D 11 -24.22 -18.54 -9.46
C VAL D 11 -25.58 -19.12 -9.15
N THR D 12 -25.79 -20.38 -9.56
CA THR D 12 -27.00 -21.11 -9.24
C THR D 12 -26.81 -21.79 -7.89
N ILE D 13 -27.79 -21.66 -7.01
CA ILE D 13 -27.78 -22.36 -5.74
C ILE D 13 -29.00 -23.24 -5.65
N LYS D 14 -28.87 -24.35 -4.92
CA LYS D 14 -30.00 -25.26 -4.64
C LYS D 14 -30.30 -25.15 -3.16
N ILE D 15 -31.52 -24.69 -2.82
CA ILE D 15 -31.86 -24.43 -1.43
C ILE D 15 -33.36 -24.62 -1.26
N GLY D 16 -33.76 -25.22 -0.15
CA GLY D 16 -35.18 -25.52 0.03
C GLY D 16 -35.82 -26.25 -1.13
N GLY D 17 -35.10 -27.16 -1.78
CA GLY D 17 -35.58 -27.85 -2.96
C GLY D 17 -35.76 -26.98 -4.19
N GLN D 18 -35.28 -25.75 -4.16
CA GLN D 18 -35.46 -24.81 -5.25
C GLN D 18 -34.12 -24.47 -5.87
N LEU D 19 -34.13 -24.13 -7.15
CA LEU D 19 -32.95 -23.58 -7.81
C LEU D 19 -33.11 -22.08 -7.90
N LYS D 20 -32.09 -21.35 -7.45
CA LYS D 20 -32.13 -19.89 -7.44
C LYS D 20 -30.80 -19.31 -7.90
N GLU D 21 -30.86 -18.12 -8.48
CA GLU D 21 -29.67 -17.38 -8.84
C GLU D 21 -29.33 -16.43 -7.71
N ALA D 22 -28.05 -16.34 -7.38
CA ALA D 22 -27.62 -15.49 -6.28
C ALA D 22 -26.26 -14.87 -6.60
N LEU D 23 -26.07 -13.64 -6.13
CA LEU D 23 -24.91 -12.82 -6.44
C LEU D 23 -23.80 -13.10 -5.42
N LEU D 24 -22.64 -13.49 -5.89
CA LEU D 24 -21.49 -13.62 -5.00
C LEU D 24 -21.03 -12.23 -4.56
N ASP D 25 -21.12 -11.93 -3.27
CA ASP D 25 -21.01 -10.56 -2.76
C ASP D 25 -20.06 -10.47 -1.57
N THR D 26 -18.82 -10.13 -1.88
CA THR D 26 -17.78 -10.07 -0.85
C THR D 26 -18.03 -8.90 0.11
N GLY D 27 -18.90 -7.95 -0.27
CA GLY D 27 -19.31 -6.86 0.59
C GLY D 27 -20.42 -7.18 1.57
N ALA D 28 -20.99 -8.37 1.51
CA ALA D 28 -22.03 -8.79 2.41
C ALA D 28 -21.47 -9.70 3.50
N ASP D 29 -21.79 -9.38 4.75
CA ASP D 29 -21.39 -10.28 5.82
C ASP D 29 -22.21 -11.56 5.77
N ASP D 30 -23.48 -11.42 5.39
CA ASP D 30 -24.47 -12.47 5.51
C ASP D 30 -25.11 -12.76 4.16
N THR D 31 -25.66 -13.97 4.03
CA THR D 31 -26.41 -14.46 2.89
C THR D 31 -27.88 -14.11 3.10
N VAL D 32 -28.44 -13.40 2.11
CA VAL D 32 -29.78 -12.82 2.22
C VAL D 32 -30.55 -13.17 0.95
N LEU D 33 -31.69 -13.83 1.10
CA LEU D 33 -32.48 -14.23 -0.04
C LEU D 33 -33.86 -13.59 0.00
N GLU D 34 -34.46 -13.39 -1.20
CA GLU D 34 -35.81 -12.88 -1.31
C GLU D 34 -36.76 -13.90 -0.70
N GLU D 35 -37.99 -13.44 -0.46
CA GLU D 35 -39.02 -14.22 0.21
C GLU D 35 -39.09 -15.63 -0.36
N MET D 36 -39.00 -16.59 0.53
CA MET D 36 -39.05 -18.01 0.21
C MET D 36 -39.50 -18.72 1.48
N ASN D 37 -39.98 -19.96 1.30
CA ASN D 37 -40.26 -20.83 2.43
C ASN D 37 -39.05 -21.68 2.75
N LEU D 38 -38.73 -21.80 4.02
CA LEU D 38 -37.68 -22.69 4.53
C LEU D 38 -38.22 -23.42 5.76
N PRO D 39 -37.76 -24.64 6.01
CA PRO D 39 -38.28 -25.39 7.17
C PRO D 39 -37.47 -25.14 8.42
N GLY D 40 -38.12 -25.39 9.54
CA GLY D 40 -37.48 -25.27 10.84
C GLY D 40 -37.73 -23.95 11.53
N ARG D 41 -36.99 -23.78 12.63
CA ARG D 41 -37.13 -22.62 13.49
C ARG D 41 -36.44 -21.42 12.83
N TRP D 42 -36.91 -20.24 13.18
CA TRP D 42 -36.29 -19.01 12.73
C TRP D 42 -36.50 -17.96 13.80
N LYS D 43 -35.70 -16.89 13.74
CA LYS D 43 -35.85 -15.76 14.64
C LYS D 43 -35.68 -14.49 13.82
N PRO D 44 -36.38 -13.43 14.15
CA PRO D 44 -36.27 -12.18 13.38
C PRO D 44 -35.06 -11.35 13.78
N LYS D 45 -34.47 -10.72 12.77
CA LYS D 45 -33.32 -9.84 12.95
C LYS D 45 -33.48 -8.60 12.07
N ILE D 46 -32.77 -7.53 12.47
CA ILE D 46 -32.64 -6.34 11.64
C ILE D 46 -31.26 -6.33 10.99
N ILE D 47 -31.23 -6.06 9.68
CA ILE D 47 -29.95 -5.82 9.02
C ILE D 47 -30.02 -4.52 8.22
N GLY D 48 -28.84 -3.99 7.90
CA GLY D 48 -28.75 -2.74 7.17
C GLY D 48 -27.86 -2.85 5.96
N GLY D 49 -28.24 -2.16 4.87
CA GLY D 49 -27.39 -2.06 3.70
C GLY D 49 -27.28 -0.61 3.29
N VAL D 50 -27.01 -0.37 2.00
CA VAL D 50 -26.73 0.97 1.52
C VAL D 50 -27.92 1.89 1.75
N GLY D 51 -29.14 1.36 1.69
CA GLY D 51 -30.35 2.19 1.72
C GLY D 51 -31.03 2.34 3.07
N GLY D 52 -30.56 1.61 4.06
CA GLY D 52 -31.18 1.59 5.36
C GLY D 52 -31.38 0.15 5.85
N LEU D 53 -32.31 -0.01 6.78
CA LEU D 53 -32.54 -1.27 7.49
C LEU D 53 -33.75 -2.00 6.91
N ILE D 54 -33.69 -3.33 7.06
CA ILE D 54 -34.83 -4.21 6.78
C ILE D 54 -34.91 -5.29 7.85
N LYS D 55 -36.11 -5.89 7.96
CA LYS D 55 -36.37 -7.00 8.85
C LYS D 55 -36.25 -8.28 8.05
N VAL D 56 -35.58 -9.27 8.64
CA VAL D 56 -35.36 -10.55 8.01
C VAL D 56 -35.66 -11.66 8.99
N ARG D 57 -35.87 -12.85 8.44
CA ARG D 57 -36.02 -14.07 9.22
C ARG D 57 -34.70 -14.82 9.13
N GLN D 58 -34.15 -15.22 10.28
CA GLN D 58 -32.87 -15.93 10.32
C GLN D 58 -33.12 -17.41 10.53
N TYR D 59 -32.72 -18.20 9.54
CA TYR D 59 -32.77 -19.65 9.59
C TYR D 59 -31.37 -20.19 9.75
N ASP D 60 -31.16 -21.10 10.69
CA ASP D 60 -29.84 -21.67 10.90
C ASP D 60 -29.77 -23.09 10.37
N GLN D 61 -28.54 -23.51 10.05
CA GLN D 61 -28.26 -24.89 9.63
C GLN D 61 -29.11 -25.30 8.44
N ILE D 62 -29.12 -24.48 7.41
CA ILE D 62 -29.86 -24.76 6.18
C ILE D 62 -28.90 -25.35 5.14
N PRO D 63 -29.18 -26.51 4.57
CA PRO D 63 -28.28 -27.04 3.52
C PRO D 63 -28.40 -26.22 2.22
N ILE D 64 -27.24 -25.91 1.62
CA ILE D 64 -27.20 -25.19 0.34
C ILE D 64 -26.15 -25.84 -0.55
N GLU D 65 -26.52 -26.13 -1.79
CA GLU D 65 -25.60 -26.58 -2.84
C GLU D 65 -25.16 -25.38 -3.66
N ILE D 66 -23.86 -25.13 -3.69
CA ILE D 66 -23.33 -23.94 -4.34
C ILE D 66 -21.94 -24.27 -4.88
N CYS D 67 -21.74 -24.02 -6.16
CA CYS D 67 -20.40 -24.16 -6.77
C CYS D 67 -19.78 -25.50 -6.43
N GLY D 68 -20.57 -26.55 -6.51
CA GLY D 68 -20.11 -27.91 -6.31
C GLY D 68 -19.85 -28.29 -4.87
N HIS D 69 -20.24 -27.44 -3.93
CA HIS D 69 -20.04 -27.69 -2.51
C HIS D 69 -21.40 -27.99 -1.90
N LYS D 70 -21.42 -28.92 -0.95
CA LYS D 70 -22.57 -29.17 -0.09
C LYS D 70 -22.28 -28.40 1.19
N ALA D 71 -22.94 -27.26 1.34
CA ALA D 71 -22.71 -26.41 2.49
C ALA D 71 -23.91 -26.41 3.41
N ILE D 72 -23.65 -25.94 4.61
CA ILE D 72 -24.66 -25.73 5.65
C ILE D 72 -24.45 -24.31 6.18
N SER D 73 -25.52 -23.51 6.20
CA SER D 73 -25.33 -22.10 6.46
C SER D 73 -26.55 -21.50 7.13
N THR D 74 -26.30 -20.40 7.82
CA THR D 74 -27.36 -19.47 8.19
C THR D 74 -27.81 -18.73 6.93
N VAL D 75 -29.11 -18.56 6.79
CA VAL D 75 -29.71 -17.80 5.69
C VAL D 75 -30.69 -16.80 6.27
N LEU D 76 -30.65 -15.57 5.79
CA LEU D 76 -31.59 -14.54 6.15
C LEU D 76 -32.58 -14.38 4.99
N VAL D 77 -33.86 -14.28 5.29
CA VAL D 77 -34.89 -14.18 4.27
C VAL D 77 -35.64 -12.88 4.48
N GLY D 78 -35.72 -12.05 3.45
CA GLY D 78 -36.43 -10.79 3.58
C GLY D 78 -36.38 -9.98 2.31
N PRO D 79 -36.79 -8.71 2.38
CA PRO D 79 -36.98 -7.94 1.14
C PRO D 79 -35.70 -7.33 0.57
N THR D 80 -34.73 -8.16 0.30
CA THR D 80 -33.57 -7.73 -0.47
C THR D 80 -33.94 -7.66 -1.95
N PRO D 81 -33.36 -6.71 -2.70
CA PRO D 81 -33.70 -6.62 -4.13
C PRO D 81 -33.04 -7.70 -4.97
N VAL D 82 -32.04 -8.38 -4.41
CA VAL D 82 -31.26 -9.37 -5.14
C VAL D 82 -30.84 -10.42 -4.13
N ASN D 83 -30.92 -11.71 -4.52
CA ASN D 83 -30.37 -12.76 -3.68
C ASN D 83 -28.86 -12.58 -3.59
N ILE D 84 -28.32 -12.58 -2.36
CA ILE D 84 -26.89 -12.34 -2.20
C ILE D 84 -26.22 -13.43 -1.36
N ILE D 85 -25.07 -13.92 -1.83
CA ILE D 85 -24.24 -14.86 -1.08
C ILE D 85 -23.16 -14.05 -0.38
N GLY D 86 -23.21 -14.03 0.95
CA GLY D 86 -22.27 -13.28 1.75
C GLY D 86 -21.06 -14.10 2.23
N ARG D 87 -20.21 -13.42 2.98
CA ARG D 87 -18.95 -14.03 3.37
C ARG D 87 -19.14 -15.25 4.27
N ASN D 88 -20.26 -15.34 5.00
CA ASN D 88 -20.47 -16.53 5.83
C ASN D 88 -20.39 -17.82 5.00
N LEU D 89 -20.91 -17.78 3.77
CA LEU D 89 -20.91 -18.92 2.87
C LEU D 89 -19.70 -18.89 1.95
N LEU D 90 -19.22 -17.72 1.57
CA LEU D 90 -18.05 -17.67 0.69
C LEU D 90 -16.83 -18.32 1.34
N THR D 91 -16.65 -18.04 2.63
CA THR D 91 -15.55 -18.68 3.36
C THR D 91 -15.71 -20.20 3.40
N GLN D 92 -16.95 -20.66 3.55
CA GLN D 92 -17.19 -22.09 3.71
C GLN D 92 -16.88 -22.88 2.45
N ILE D 93 -16.94 -22.24 1.29
CA ILE D 93 -16.61 -22.88 0.01
C ILE D 93 -15.21 -22.50 -0.47
N GLY D 94 -14.40 -21.88 0.39
CA GLY D 94 -13.02 -21.59 0.06
C GLY D 94 -12.81 -20.51 -0.97
N CYS D 95 -13.75 -19.58 -1.11
CA CYS D 95 -13.65 -18.52 -2.10
C CYS D 95 -12.75 -17.39 -1.61
N THR D 96 -11.91 -16.90 -2.52
CA THR D 96 -10.99 -15.83 -2.18
C THR D 96 -10.95 -14.79 -3.30
N LEU D 97 -10.48 -13.60 -2.95
CA LEU D 97 -10.18 -12.56 -3.94
C LEU D 97 -8.70 -12.56 -4.28
N ASN D 98 -8.39 -12.35 -5.57
CA ASN D 98 -7.01 -12.39 -6.03
C ASN D 98 -6.77 -11.30 -7.06
N PHE D 99 -5.76 -10.47 -6.83
CA PHE D 99 -5.28 -9.54 -7.86
C PHE D 99 -3.76 -9.36 -7.76
N1 017 E . 19.95 -0.58 -3.81
C2 017 E . 21.00 0.07 -2.98
C3 017 E . 20.87 0.08 -1.64
C4 017 E . 21.82 0.67 -0.84
C5 017 E . 22.93 1.22 -1.46
C6 017 E . 23.10 1.16 -2.80
C7 017 E . 22.11 0.62 -3.60
S8 017 E . 24.19 2.04 -0.40
O9 017 E . 24.10 1.50 0.93
O10 017 E . 25.53 1.77 -0.92
N11 017 E . 23.80 3.75 -0.36
C12 017 E . 23.82 4.51 -1.60
C13 017 E . 24.68 5.80 -1.54
C14 017 E . 26.18 5.54 -1.24
C15 017 E . 24.53 6.48 -2.93
C16 017 E . 22.82 4.17 0.74
C17 017 E . 23.56 5.03 1.82
O18 017 E . 22.59 5.73 2.52
C19 017 E . 24.29 4.13 2.80
N20 017 E . 25.00 5.03 3.75
C21 017 E . 26.41 5.41 3.68
O22 017 E . 27.19 4.98 2.86
O23 017 E . 26.78 6.33 4.65
C24 017 E . 28.17 6.47 4.94
C25 017 E . 28.51 8.09 5.07
O26 017 E . 27.83 8.33 6.22
C27 017 E . 28.19 7.15 7.19
O28 017 E . 27.16 6.85 7.86
C29 017 E . 26.76 5.32 7.52
C30 017 E . 27.62 4.83 6.64
C31 017 E . 28.48 5.97 6.15
C32 017 E . 23.43 3.25 3.68
C33 017 E . 25.16 1.52 4.26
C34 017 E . 25.99 0.89 5.22
C35 017 E . 25.95 1.26 6.59
C36 017 E . 25.09 2.25 7.01
C37 017 E . 24.29 2.88 6.04
C38 017 E . 24.32 2.53 4.69
H11 017 E . 19.61 -0.16 -4.48
H12 017 E . 19.68 -1.38 -3.61
H3 017 E . 20.13 -0.32 -1.26
H4 017 E . 21.71 0.68 0.08
H6 017 E . 23.88 1.49 -3.19
H7 017 E . 22.20 0.61 -4.52
H121 017 E . 24.17 3.96 -2.27
H122 017 E . 22.94 4.75 -1.81
H13 017 E . 24.36 6.33 -0.83
H141 017 E . 26.42 5.93 -0.42
H142 017 E . 26.34 4.62 -1.20
H143 017 E . 26.71 5.92 -1.93
H151 017 E . 23.70 6.91 -2.99
H152 017 E . 25.21 7.11 -3.05
H153 017 E . 24.59 5.83 -3.60
H161 017 E . 22.45 3.42 1.15
H162 017 E . 22.13 4.69 0.36
H17 017 E . 24.18 5.60 1.40
H18 017 E . 22.07 5.19 2.89
H19 017 E . 24.80 3.56 2.27
H20 017 E . 24.54 5.35 4.40
H24 017 E . 28.68 6.03 4.28
H251 017 E . 28.17 8.58 4.36
H252 017 E . 29.43 8.25 5.17
H27 017 E . 28.92 7.28 7.77
H291 017 E . 25.89 5.30 7.15
H292 017 E . 26.78 4.80 8.30
H301 017 E . 28.16 4.19 7.06
H302 017 E . 27.16 4.45 5.91
H31 017 E . 29.39 5.71 6.13
H321 017 E . 22.80 3.78 4.14
H322 017 E . 22.98 2.62 3.16
H33 017 E . 25.19 1.27 3.37
H34 017 E . 26.58 0.22 4.95
H35 017 E . 26.49 0.83 7.21
H36 017 E . 25.04 2.50 7.90
H37 017 E . 23.71 3.56 6.32
N1 017 F . -22.75 0.77 -7.39
C2 017 F . -23.27 0.16 -6.18
C3 017 F . -24.54 -0.35 -6.14
C4 017 F . -25.01 -0.91 -4.99
C5 017 F . -24.21 -0.98 -3.87
C6 017 F . -22.96 -0.48 -3.89
C7 017 F . -22.48 0.11 -5.05
S8 017 F . -24.83 -1.79 -2.34
O9 017 F . -26.25 -1.58 -2.17
O10 017 F . -24.02 -1.38 -1.17
N11 017 F . -24.59 -3.51 -2.57
C12 017 F . -25.34 -4.11 -3.68
C13 017 F . -25.90 -5.48 -3.32
C14 017 F . -27.01 -5.40 -2.24
C15 017 F . -26.43 -6.14 -4.63
C16 017 F . -23.18 -4.05 -2.24
C17 017 F . -23.18 -4.99 -1.00
O18 017 F . -21.95 -5.65 -0.90
C19 017 F . -23.40 -4.19 0.28
N20 017 F . -23.56 -5.22 1.33
C21 017 F . -24.83 -5.50 1.99
O22 017 F . -25.85 -4.89 1.75
O23 017 F . -24.71 -6.54 2.90
C24 017 F . -25.72 -6.67 3.89
C25 017 F . -25.97 -8.30 4.07
O26 017 F . -24.83 -8.61 4.78
C27 017 F . -24.61 -7.43 5.81
O28 017 F . -23.34 -7.16 5.81
C29 017 F . -23.23 -5.62 5.31
C30 017 F . -24.45 -5.10 5.19
C31 017 F . -25.42 -6.27 5.12
C32 017 F . -22.21 -3.38 0.74
C33 017 F . -23.45 -1.72 2.18
C34 017 F . -23.68 -1.11 3.42
C35 017 F . -22.94 -1.49 4.55
C36 017 F . -21.97 -2.47 4.44
C37 017 F . -21.74 -3.06 3.20
C38 017 F . -22.50 -2.70 2.07
H11 017 F . -23.06 0.55 -8.16
H12 017 F . -22.11 1.37 -7.33
H3 017 F . -25.07 -0.34 -6.91
H4 017 F . -25.87 -1.24 -4.96
H6 017 F . -22.41 -0.54 -3.14
H7 017 F . -21.63 0.47 -5.07
H121 017 F . -24.77 -4.20 -4.42
H122 017 F . -26.05 -3.53 -3.91
H13 017 F . -25.21 -6.00 -2.95
H141 017 F . -27.20 -4.50 -2.04
H142 017 F . -27.79 -5.81 -2.56
H143 017 F . -26.72 -5.85 -1.46
H151 017 F . -25.71 -6.52 -5.10
H152 017 F . -27.05 -6.80 -4.41
H153 017 F . -26.83 -5.49 -5.17
H161 017 F . -22.87 -4.53 -2.98
H162 017 F . -22.61 -3.33 -2.08
H17 017 F . -23.87 -5.62 -1.10
H18 017 F . -21.80 -6.07 -1.60
H19 017 F . -24.12 -3.61 0.12
H20 017 F . -22.87 -5.68 1.58
H24 017 F . -26.48 -6.18 3.64
H251 017 F . -25.99 -8.75 3.24
H252 017 F . -26.74 -8.49 4.56
H27 017 F . -24.90 -7.56 6.70
H291 017 F . -22.80 -5.61 4.47
H292 017 F . -22.75 -5.13 5.94
H301 017 F . -24.64 -4.56 5.94
H302 017 F . -24.50 -4.60 4.40
H31 017 F . -26.22 -6.06 5.55
H321 017 F . -21.47 -3.94 0.83
H322 017 F . -22.03 -2.72 0.09
H33 017 F . -23.93 -1.47 1.44
H34 017 F . -24.32 -0.44 3.50
H35 017 F . -23.12 -1.10 5.38
H36 017 F . -21.47 -2.72 5.19
H37 017 F . -21.06 -3.69 3.12
#